data_1G6V
#
_entry.id   1G6V
#
_cell.length_a   83.860
_cell.length_b   83.860
_cell.length_c   224.050
_cell.angle_alpha   90.00
_cell.angle_beta   90.00
_cell.angle_gamma   90.00
#
_symmetry.space_group_name_H-M   'P 41 21 2'
#
loop_
_entity.id
_entity.type
_entity.pdbx_description
1 polymer 'CARBONIC ANHYDRASE'
2 polymer 'ANTIBODY HEAVY CHAIN'
3 non-polymer 'ZINC ION'
#
loop_
_entity_poly.entity_id
_entity_poly.type
_entity_poly.pdbx_seq_one_letter_code
_entity_poly.pdbx_strand_id
1 'polypeptide(L)'
;MSHHWGYGKHNGPEHWHKDFPIAKGERQSPVDIDTHTAKYDPSLKPLSVSYDQATSLRILNNGHAFNVEFDDSQDKAVLK
GGPLDGTYRLIQFHFHWGSLDGQGSEHTVDKKKYAAELHLVHWNTKYGDFGKAVQQPDGLAVLGIFLKVGSAKPGLQKVV
DVLDSIKTKGKSADFTNFDPRGLLPESLDYWTYPGSLTTPPLLECVTWIVLKEPISVSSEQVLKFRKLNFNGEGEPEELM
VDNWRPAQPLKNRQIKASFK
;
A
2 'polypeptide(L)'
;QVQLVESGGGSVQAGGSLRLSCAASGYTVSTYCMGWFRQAPGKEREGVATILGGSTYYGDSVKGRFTISQDNAKNTVYLQ
MNSLKPEDTAIYYCAGSTVASTGWCSRLRPYDYHYRGQGTQVTVSS
;
K
#
# COMPACT_ATOMS: atom_id res chain seq x y z
N HIS A 4 -15.07 -7.80 -26.74
CA HIS A 4 -13.88 -8.31 -27.48
C HIS A 4 -13.17 -9.36 -26.62
N TRP A 5 -12.09 -8.97 -25.96
CA TRP A 5 -11.34 -9.88 -25.10
C TRP A 5 -11.99 -9.91 -23.71
N GLY A 6 -11.79 -11.00 -22.99
CA GLY A 6 -12.37 -11.13 -21.66
C GLY A 6 -11.82 -12.32 -20.91
N TYR A 7 -12.29 -12.53 -19.68
CA TYR A 7 -11.80 -13.65 -18.88
C TYR A 7 -12.70 -14.88 -19.02
N GLY A 8 -13.55 -14.89 -20.03
CA GLY A 8 -14.44 -16.02 -20.23
C GLY A 8 -13.73 -17.29 -20.70
N LYS A 9 -14.43 -18.07 -21.52
CA LYS A 9 -13.87 -19.32 -22.04
C LYS A 9 -13.43 -19.18 -23.50
N HIS A 10 -14.21 -18.46 -24.29
CA HIS A 10 -13.91 -18.27 -25.71
C HIS A 10 -13.12 -17.00 -26.02
N ASN A 11 -12.87 -16.19 -25.00
CA ASN A 11 -12.12 -14.93 -25.18
C ASN A 11 -11.17 -14.71 -24.02
N GLY A 12 -11.04 -15.75 -23.18
CA GLY A 12 -10.18 -15.69 -22.01
C GLY A 12 -8.70 -15.44 -22.27
N PRO A 13 -7.90 -15.36 -21.20
CA PRO A 13 -6.43 -15.13 -21.22
C PRO A 13 -5.62 -15.97 -22.20
N GLU A 14 -6.15 -17.12 -22.61
CA GLU A 14 -5.43 -17.99 -23.53
C GLU A 14 -5.51 -17.49 -24.97
N HIS A 15 -6.72 -17.22 -25.44
CA HIS A 15 -6.93 -16.76 -26.81
C HIS A 15 -6.48 -15.32 -26.99
N TRP A 16 -5.77 -14.78 -26.01
CA TRP A 16 -5.31 -13.40 -26.09
C TRP A 16 -4.17 -13.28 -27.09
N HIS A 17 -3.22 -14.20 -27.02
CA HIS A 17 -2.09 -14.17 -27.94
C HIS A 17 -2.57 -14.14 -29.41
N LYS A 18 -3.88 -14.26 -29.60
CA LYS A 18 -4.47 -14.24 -30.93
C LYS A 18 -4.52 -12.81 -31.47
N ASP A 19 -5.23 -11.93 -30.75
CA ASP A 19 -5.35 -10.54 -31.18
C ASP A 19 -4.21 -9.67 -30.65
N PHE A 20 -3.63 -10.09 -29.53
CA PHE A 20 -2.52 -9.36 -28.92
C PHE A 20 -1.32 -10.28 -28.82
N PRO A 21 -0.63 -10.49 -29.95
CA PRO A 21 0.56 -11.35 -30.06
C PRO A 21 1.66 -11.08 -29.03
N ILE A 22 1.67 -9.87 -28.47
CA ILE A 22 2.68 -9.49 -27.49
C ILE A 22 2.50 -10.25 -26.18
N ALA A 23 1.41 -11.01 -26.08
CA ALA A 23 1.09 -11.78 -24.89
C ALA A 23 2.09 -12.92 -24.75
N LYS A 24 3.04 -12.97 -25.67
CA LYS A 24 4.08 -13.99 -25.68
C LYS A 24 5.46 -13.32 -25.65
N GLY A 25 5.51 -12.13 -25.07
CA GLY A 25 6.77 -11.41 -24.95
C GLY A 25 7.62 -12.00 -23.86
N GLU A 26 8.85 -11.50 -23.72
CA GLU A 26 9.72 -12.02 -22.69
C GLU A 26 9.50 -11.42 -21.30
N ARG A 27 8.89 -10.24 -21.21
CA ARG A 27 8.60 -9.67 -19.89
C ARG A 27 7.08 -9.54 -19.79
N GLN A 28 6.45 -10.61 -19.35
CA GLN A 28 5.00 -10.67 -19.21
C GLN A 28 4.63 -10.92 -17.75
N SER A 29 3.46 -10.44 -17.34
CA SER A 29 2.99 -10.65 -15.97
C SER A 29 1.59 -11.23 -16.04
N PRO A 30 1.12 -11.84 -14.95
CA PRO A 30 1.79 -12.03 -13.67
C PRO A 30 2.83 -13.13 -13.79
N VAL A 31 3.37 -13.57 -12.66
CA VAL A 31 4.36 -14.64 -12.63
C VAL A 31 4.29 -15.28 -11.26
N ASP A 32 4.98 -16.41 -11.11
CA ASP A 32 5.03 -17.07 -9.83
C ASP A 32 6.36 -16.67 -9.25
N ILE A 33 6.35 -16.10 -8.06
CA ILE A 33 7.58 -15.70 -7.44
C ILE A 33 8.13 -16.86 -6.61
N ASP A 34 9.27 -17.39 -7.02
CA ASP A 34 9.88 -18.50 -6.30
C ASP A 34 10.73 -17.93 -5.18
N THR A 35 10.16 -17.90 -3.98
CA THR A 35 10.82 -17.37 -2.81
C THR A 35 12.25 -17.86 -2.64
N HIS A 36 12.57 -19.01 -3.22
CA HIS A 36 13.92 -19.55 -3.09
C HIS A 36 14.74 -19.22 -4.33
N THR A 37 14.39 -18.11 -4.98
CA THR A 37 15.08 -17.67 -6.17
C THR A 37 15.26 -16.16 -6.13
N ALA A 38 14.56 -15.52 -5.19
CA ALA A 38 14.66 -14.08 -5.08
C ALA A 38 16.11 -13.75 -4.73
N LYS A 39 16.73 -12.93 -5.57
CA LYS A 39 18.10 -12.51 -5.32
C LYS A 39 18.02 -11.14 -4.65
N TYR A 40 18.79 -10.96 -3.56
CA TYR A 40 18.81 -9.69 -2.84
C TYR A 40 19.66 -8.68 -3.60
N ASP A 41 19.33 -7.40 -3.45
CA ASP A 41 20.08 -6.36 -4.14
C ASP A 41 20.23 -5.08 -3.31
N PRO A 42 21.47 -4.78 -2.91
CA PRO A 42 21.86 -3.61 -2.10
C PRO A 42 21.66 -2.26 -2.78
N SER A 43 21.09 -2.28 -3.98
CA SER A 43 20.83 -1.05 -4.72
C SER A 43 19.38 -0.64 -4.51
N LEU A 44 18.62 -1.50 -3.84
CA LEU A 44 17.22 -1.27 -3.56
C LEU A 44 17.04 -0.45 -2.28
N LYS A 45 16.10 0.49 -2.32
CA LYS A 45 15.80 1.34 -1.17
C LYS A 45 14.37 1.01 -0.76
N PRO A 46 13.93 1.49 0.42
CA PRO A 46 12.58 1.23 0.88
C PRO A 46 11.57 1.87 -0.05
N LEU A 47 10.38 1.28 -0.18
CA LEU A 47 9.38 1.84 -1.07
C LEU A 47 8.90 3.19 -0.55
N SER A 48 8.88 4.17 -1.43
CA SER A 48 8.45 5.51 -1.06
C SER A 48 7.03 5.73 -1.56
N VAL A 49 6.07 5.67 -0.65
CA VAL A 49 4.67 5.86 -1.02
C VAL A 49 4.14 7.21 -0.52
N SER A 50 4.40 8.27 -1.29
CA SER A 50 3.98 9.63 -0.94
C SER A 50 2.57 9.99 -1.34
N TYR A 51 1.60 9.33 -0.73
CA TYR A 51 0.19 9.56 -1.02
C TYR A 51 -0.44 10.68 -0.21
N ASP A 52 0.35 11.67 0.14
CA ASP A 52 -0.14 12.79 0.94
C ASP A 52 -1.37 13.50 0.39
N GLN A 53 -1.27 13.99 -0.84
CA GLN A 53 -2.36 14.73 -1.44
C GLN A 53 -3.18 13.91 -2.42
N ALA A 54 -3.12 12.59 -2.29
CA ALA A 54 -3.87 11.70 -3.16
C ALA A 54 -5.31 12.15 -3.17
N THR A 55 -5.85 12.40 -4.36
CA THR A 55 -7.22 12.87 -4.49
C THR A 55 -8.06 11.98 -5.41
N SER A 56 -8.88 11.10 -4.83
CA SER A 56 -9.72 10.21 -5.61
C SER A 56 -10.85 10.99 -6.25
N LEU A 57 -11.22 10.65 -7.48
CA LEU A 57 -12.30 11.35 -8.15
C LEU A 57 -13.56 10.54 -8.49
N ARG A 58 -13.43 9.29 -8.93
CA ARG A 58 -14.61 8.48 -9.26
C ARG A 58 -14.36 6.99 -9.50
N ILE A 59 -15.18 6.13 -8.90
CA ILE A 59 -15.06 4.67 -9.08
C ILE A 59 -15.66 4.48 -10.47
N LEU A 60 -15.35 3.36 -11.12
CA LEU A 60 -15.85 3.14 -12.47
C LEU A 60 -15.75 1.72 -13.03
N ASN A 61 -16.86 1.19 -13.54
CA ASN A 61 -16.86 -0.15 -14.12
C ASN A 61 -16.40 -0.04 -15.58
N ASN A 62 -15.23 -0.60 -15.89
CA ASN A 62 -14.72 -0.50 -17.24
C ASN A 62 -14.93 -1.71 -18.16
N GLY A 63 -15.50 -2.79 -17.64
CA GLY A 63 -15.73 -3.94 -18.49
C GLY A 63 -14.98 -5.21 -18.13
N HIS A 64 -14.02 -5.12 -17.21
CA HIS A 64 -13.25 -6.27 -16.78
C HIS A 64 -12.81 -6.14 -15.33
N ALA A 65 -13.25 -5.05 -14.69
CA ALA A 65 -12.96 -4.74 -13.29
C ALA A 65 -13.55 -3.36 -13.04
N PHE A 66 -13.28 -2.80 -11.86
CA PHE A 66 -13.78 -1.47 -11.57
C PHE A 66 -12.58 -0.66 -11.12
N ASN A 67 -12.38 0.50 -11.73
CA ASN A 67 -11.24 1.35 -11.40
C ASN A 67 -11.66 2.51 -10.51
N VAL A 68 -10.75 2.96 -9.66
CA VAL A 68 -11.04 4.10 -8.80
C VAL A 68 -10.07 5.15 -9.30
N GLU A 69 -10.52 5.98 -10.24
CA GLU A 69 -9.69 7.02 -10.83
C GLU A 69 -9.22 8.07 -9.84
N PHE A 70 -7.96 8.50 -9.97
CA PHE A 70 -7.38 9.52 -9.12
C PHE A 70 -6.90 10.68 -9.97
N ASP A 71 -6.84 11.88 -9.39
CA ASP A 71 -6.38 13.05 -10.13
C ASP A 71 -4.87 12.99 -10.28
N ASP A 72 -4.37 13.14 -11.50
CA ASP A 72 -2.93 13.10 -11.71
C ASP A 72 -2.42 14.34 -12.41
N SER A 73 -3.20 15.41 -12.35
CA SER A 73 -2.79 16.65 -13.00
C SER A 73 -1.39 17.06 -12.52
N GLN A 74 -1.08 16.74 -11.26
CA GLN A 74 0.23 17.05 -10.67
C GLN A 74 0.72 15.94 -9.73
N ASP A 75 1.86 16.15 -9.07
CA ASP A 75 2.42 15.15 -8.16
C ASP A 75 1.68 15.13 -6.82
N LYS A 76 0.39 14.82 -6.87
CA LYS A 76 -0.41 14.78 -5.65
C LYS A 76 -0.12 13.51 -4.85
N ALA A 77 -0.09 12.37 -5.54
CA ALA A 77 0.19 11.09 -4.89
C ALA A 77 1.29 10.48 -5.73
N VAL A 78 2.50 10.41 -5.19
CA VAL A 78 3.64 9.88 -5.94
C VAL A 78 4.36 8.69 -5.37
N LEU A 79 4.94 7.91 -6.26
CA LEU A 79 5.69 6.74 -5.88
C LEU A 79 7.11 6.94 -6.34
N LYS A 80 8.05 6.91 -5.41
CA LYS A 80 9.47 7.06 -5.71
C LYS A 80 10.23 6.03 -4.88
N GLY A 81 11.51 6.28 -4.61
CA GLY A 81 12.29 5.33 -3.83
C GLY A 81 12.09 3.92 -4.38
N GLY A 82 12.13 2.92 -3.51
CA GLY A 82 11.94 1.54 -3.96
C GLY A 82 12.95 1.12 -5.02
N PRO A 83 12.55 0.33 -6.01
CA PRO A 83 13.48 -0.11 -7.06
C PRO A 83 13.36 0.86 -8.21
N LEU A 84 12.39 1.75 -8.11
CA LEU A 84 12.15 2.71 -9.14
C LEU A 84 13.25 3.75 -9.23
N ASP A 85 13.32 4.40 -10.38
CA ASP A 85 14.32 5.42 -10.65
C ASP A 85 13.61 6.61 -11.30
N GLY A 86 12.90 7.38 -10.47
CA GLY A 86 12.17 8.53 -10.96
C GLY A 86 11.02 8.83 -10.02
N THR A 87 9.94 9.41 -10.54
CA THR A 87 8.77 9.72 -9.74
C THR A 87 7.53 9.35 -10.53
N TYR A 88 6.76 8.37 -10.05
CA TYR A 88 5.56 7.95 -10.78
C TYR A 88 4.32 8.45 -10.06
N ARG A 89 3.35 8.97 -10.81
CA ARG A 89 2.10 9.46 -10.24
C ARG A 89 1.04 8.36 -10.22
N LEU A 90 0.28 8.29 -9.14
CA LEU A 90 -0.79 7.30 -9.03
C LEU A 90 -1.93 7.77 -9.91
N ILE A 91 -2.38 6.90 -10.80
CA ILE A 91 -3.45 7.26 -11.73
C ILE A 91 -4.77 6.58 -11.43
N GLN A 92 -4.73 5.35 -10.91
CA GLN A 92 -5.95 4.63 -10.57
C GLN A 92 -5.61 3.29 -9.99
N PHE A 93 -6.56 2.66 -9.32
CA PHE A 93 -6.31 1.34 -8.78
C PHE A 93 -7.56 0.53 -8.98
N HIS A 94 -7.39 -0.78 -9.17
CA HIS A 94 -8.50 -1.70 -9.37
C HIS A 94 -8.13 -3.06 -8.80
N PHE A 95 -9.04 -4.02 -8.91
CA PHE A 95 -8.79 -5.33 -8.35
C PHE A 95 -8.92 -6.48 -9.32
N HIS A 96 -8.46 -7.63 -8.86
CA HIS A 96 -8.51 -8.88 -9.61
C HIS A 96 -8.97 -9.96 -8.64
N TRP A 97 -10.07 -10.62 -8.96
CA TRP A 97 -10.56 -11.66 -8.08
C TRP A 97 -11.00 -12.90 -8.84
N GLY A 98 -11.19 -13.99 -8.11
CA GLY A 98 -11.61 -15.22 -8.75
C GLY A 98 -12.96 -15.73 -8.30
N SER A 99 -13.52 -16.65 -9.08
CA SER A 99 -14.81 -17.27 -8.81
C SER A 99 -14.90 -17.95 -7.45
N LEU A 100 -13.74 -18.34 -6.91
CA LEU A 100 -13.63 -19.02 -5.62
C LEU A 100 -12.77 -18.20 -4.65
N ASP A 101 -12.76 -18.57 -3.37
CA ASP A 101 -11.92 -17.89 -2.38
C ASP A 101 -10.53 -18.54 -2.45
N GLY A 102 -10.49 -19.77 -2.96
CA GLY A 102 -9.26 -20.50 -3.08
C GLY A 102 -8.30 -19.91 -4.09
N GLN A 103 -8.84 -19.15 -5.03
CA GLN A 103 -8.04 -18.53 -6.08
C GLN A 103 -8.48 -17.09 -6.33
N GLY A 104 -7.74 -16.38 -7.19
CA GLY A 104 -8.12 -15.01 -7.47
C GLY A 104 -7.03 -13.98 -7.72
N SER A 105 -5.87 -14.13 -7.10
CA SER A 105 -4.79 -13.18 -7.32
C SER A 105 -4.08 -13.52 -8.62
N GLU A 106 -3.40 -12.55 -9.21
CA GLU A 106 -2.69 -12.81 -10.46
C GLU A 106 -1.32 -13.37 -10.13
N HIS A 107 -0.54 -12.66 -9.32
CA HIS A 107 0.78 -13.17 -8.93
C HIS A 107 0.61 -14.28 -7.90
N THR A 108 1.62 -15.14 -7.81
CA THR A 108 1.58 -16.25 -6.85
C THR A 108 2.92 -16.41 -6.15
N VAL A 109 2.88 -16.72 -4.86
CA VAL A 109 4.09 -16.93 -4.08
C VAL A 109 4.28 -18.44 -3.98
N ASP A 110 5.33 -18.96 -4.61
CA ASP A 110 5.55 -20.40 -4.57
C ASP A 110 4.24 -21.10 -4.96
N LYS A 111 3.72 -20.71 -6.11
CA LYS A 111 2.49 -21.28 -6.64
C LYS A 111 1.31 -21.16 -5.68
N LYS A 112 1.44 -20.28 -4.69
CA LYS A 112 0.38 -20.05 -3.70
C LYS A 112 -0.52 -18.93 -4.23
N LYS A 113 -1.82 -19.12 -4.16
CA LYS A 113 -2.77 -18.13 -4.65
C LYS A 113 -3.53 -17.47 -3.51
N TYR A 114 -3.89 -16.20 -3.69
CA TYR A 114 -4.65 -15.48 -2.67
C TYR A 114 -6.03 -15.17 -3.21
N ALA A 115 -6.92 -14.76 -2.31
CA ALA A 115 -8.29 -14.46 -2.69
C ALA A 115 -8.41 -13.42 -3.80
N ALA A 116 -7.61 -12.36 -3.75
CA ALA A 116 -7.65 -11.33 -4.78
C ALA A 116 -6.36 -10.51 -4.78
N GLU A 117 -6.26 -9.56 -5.69
CA GLU A 117 -5.06 -8.76 -5.77
C GLU A 117 -5.38 -7.33 -6.15
N LEU A 118 -4.86 -6.38 -5.37
CA LEU A 118 -5.07 -4.96 -5.64
C LEU A 118 -3.87 -4.40 -6.38
N HIS A 119 -4.13 -3.60 -7.41
CA HIS A 119 -3.07 -3.02 -8.23
C HIS A 119 -3.12 -1.49 -8.31
N LEU A 120 -2.07 -0.84 -7.83
CA LEU A 120 -2.00 0.62 -7.89
C LEU A 120 -1.10 1.02 -9.05
N VAL A 121 -1.71 1.53 -10.12
CA VAL A 121 -0.98 1.93 -11.33
C VAL A 121 -0.46 3.37 -11.30
N HIS A 122 0.82 3.53 -11.58
CA HIS A 122 1.45 4.84 -11.62
C HIS A 122 2.29 4.95 -12.88
N TRP A 123 2.30 6.12 -13.49
CA TRP A 123 3.11 6.31 -14.69
C TRP A 123 4.22 7.30 -14.39
N ASN A 124 5.32 7.17 -15.12
CA ASN A 124 6.48 8.03 -14.92
C ASN A 124 6.29 9.45 -15.42
N THR A 125 6.46 10.40 -14.52
CA THR A 125 6.32 11.81 -14.84
C THR A 125 7.26 12.33 -15.92
N LYS A 126 8.24 11.53 -16.33
CA LYS A 126 9.15 12.02 -17.35
C LYS A 126 8.58 11.82 -18.74
N TYR A 127 7.43 11.14 -18.82
CA TYR A 127 6.83 10.90 -20.12
C TYR A 127 5.61 11.74 -20.46
N GLY A 128 5.47 12.87 -19.79
CA GLY A 128 4.36 13.78 -20.06
C GLY A 128 2.97 13.37 -19.63
N ASP A 129 2.47 12.27 -20.17
CA ASP A 129 1.14 11.77 -19.84
C ASP A 129 1.15 10.25 -19.73
N PHE A 130 0.17 9.72 -19.02
CA PHE A 130 0.05 8.26 -18.83
C PHE A 130 0.08 7.51 -20.16
N GLY A 131 -0.59 8.05 -21.17
CA GLY A 131 -0.62 7.42 -22.48
C GLY A 131 0.78 7.21 -23.06
N LYS A 132 1.57 8.29 -23.13
CA LYS A 132 2.93 8.17 -23.63
C LYS A 132 3.67 7.25 -22.68
N ALA A 133 3.50 7.51 -21.39
CA ALA A 133 4.14 6.76 -20.32
C ALA A 133 4.11 5.24 -20.49
N VAL A 134 2.95 4.70 -20.84
CA VAL A 134 2.81 3.26 -20.99
C VAL A 134 3.35 2.73 -22.29
N GLN A 135 4.28 3.45 -22.89
CA GLN A 135 4.85 3.03 -24.16
C GLN A 135 6.33 2.77 -23.97
N GLN A 136 6.83 3.13 -22.80
CA GLN A 136 8.25 2.97 -22.50
C GLN A 136 8.52 1.87 -21.50
N PRO A 137 9.67 1.21 -21.63
CA PRO A 137 10.12 0.10 -20.77
C PRO A 137 10.20 0.44 -19.29
N ASP A 138 9.95 1.70 -18.96
CA ASP A 138 10.01 2.14 -17.58
C ASP A 138 8.90 3.13 -17.25
N GLY A 139 8.11 3.46 -18.26
CA GLY A 139 7.02 4.41 -18.08
C GLY A 139 5.94 4.04 -17.07
N LEU A 140 5.97 2.82 -16.55
CA LEU A 140 4.96 2.41 -15.59
C LEU A 140 5.53 1.72 -14.37
N ALA A 141 4.78 1.84 -13.28
CA ALA A 141 5.13 1.23 -12.00
C ALA A 141 3.80 0.78 -11.38
N VAL A 142 3.63 -0.52 -11.18
CA VAL A 142 2.39 -1.01 -10.59
C VAL A 142 2.69 -1.68 -9.27
N LEU A 143 1.94 -1.27 -8.26
CA LEU A 143 2.11 -1.79 -6.93
C LEU A 143 1.02 -2.82 -6.67
N GLY A 144 1.43 -4.04 -6.39
CA GLY A 144 0.46 -5.09 -6.15
C GLY A 144 0.28 -5.44 -4.69
N ILE A 145 -0.95 -5.63 -4.27
CA ILE A 145 -1.23 -5.95 -2.87
C ILE A 145 -2.10 -7.16 -2.82
N PHE A 146 -1.69 -8.16 -2.06
CA PHE A 146 -2.49 -9.37 -1.96
C PHE A 146 -3.63 -9.24 -0.96
N LEU A 147 -4.84 -9.60 -1.37
CA LEU A 147 -5.95 -9.58 -0.44
C LEU A 147 -6.13 -11.03 -0.03
N LYS A 148 -5.90 -11.34 1.26
CA LYS A 148 -6.06 -12.72 1.74
C LYS A 148 -7.25 -12.84 2.68
N VAL A 149 -8.09 -13.84 2.41
CA VAL A 149 -9.28 -14.08 3.21
C VAL A 149 -9.00 -14.00 4.70
N GLY A 150 -10.02 -13.61 5.46
CA GLY A 150 -9.83 -13.50 6.89
C GLY A 150 -10.87 -12.61 7.54
N SER A 151 -10.45 -11.48 8.09
CA SER A 151 -11.37 -10.56 8.74
C SER A 151 -11.77 -9.41 7.81
N ALA A 152 -12.94 -8.84 8.06
CA ALA A 152 -13.43 -7.74 7.25
C ALA A 152 -12.39 -6.64 7.11
N LYS A 153 -12.45 -5.90 6.01
CA LYS A 153 -11.50 -4.81 5.77
C LYS A 153 -12.21 -3.46 5.70
N PRO A 154 -12.36 -2.79 6.86
CA PRO A 154 -13.02 -1.49 6.94
C PRO A 154 -12.64 -0.58 5.80
N GLY A 155 -11.36 -0.59 5.41
CA GLY A 155 -10.89 0.23 4.32
C GLY A 155 -11.58 -0.17 3.04
N LEU A 156 -11.49 -1.45 2.70
CA LEU A 156 -12.10 -1.97 1.48
C LEU A 156 -13.61 -1.77 1.41
N GLN A 157 -14.28 -2.07 2.51
CA GLN A 157 -15.73 -1.94 2.54
C GLN A 157 -16.21 -0.60 2.01
N LYS A 158 -15.45 0.47 2.25
CA LYS A 158 -15.84 1.79 1.79
C LYS A 158 -15.84 1.82 0.27
N VAL A 159 -15.33 0.75 -0.31
CA VAL A 159 -15.27 0.63 -1.76
C VAL A 159 -16.41 -0.29 -2.17
N VAL A 160 -16.29 -1.57 -1.83
CA VAL A 160 -17.32 -2.53 -2.18
C VAL A 160 -18.70 -1.96 -1.88
N ASP A 161 -18.78 -1.18 -0.81
CA ASP A 161 -20.01 -0.53 -0.34
C ASP A 161 -20.74 0.25 -1.44
N VAL A 162 -19.98 0.82 -2.36
CA VAL A 162 -20.55 1.63 -3.43
C VAL A 162 -20.67 0.91 -4.78
N LEU A 163 -20.15 -0.31 -4.87
CA LEU A 163 -20.23 -1.06 -6.11
C LEU A 163 -21.63 -1.07 -6.71
N ASP A 164 -22.64 -1.08 -5.84
CA ASP A 164 -24.03 -1.09 -6.29
C ASP A 164 -24.28 -0.01 -7.34
N SER A 165 -23.53 1.08 -7.24
CA SER A 165 -23.67 2.21 -8.15
C SER A 165 -23.04 1.99 -9.52
N ILE A 166 -22.40 0.84 -9.70
CA ILE A 166 -21.77 0.54 -10.97
C ILE A 166 -21.89 -0.93 -11.37
N LYS A 167 -23.06 -1.51 -11.14
CA LYS A 167 -23.29 -2.91 -11.46
C LYS A 167 -22.91 -3.27 -12.90
N THR A 168 -23.40 -2.50 -13.87
CA THR A 168 -23.12 -2.75 -15.27
C THR A 168 -21.91 -1.97 -15.75
N LYS A 169 -21.53 -2.22 -17.01
CA LYS A 169 -20.38 -1.54 -17.61
C LYS A 169 -20.73 -0.09 -17.92
N GLY A 170 -19.72 0.75 -18.01
CA GLY A 170 -19.93 2.16 -18.32
C GLY A 170 -20.35 3.03 -17.15
N LYS A 171 -21.08 2.44 -16.21
CA LYS A 171 -21.56 3.16 -15.03
C LYS A 171 -20.42 3.74 -14.19
N SER A 172 -20.66 4.92 -13.61
CA SER A 172 -19.65 5.58 -12.79
C SER A 172 -20.28 6.42 -11.68
N ALA A 173 -19.72 6.32 -10.48
CA ALA A 173 -20.20 7.05 -9.31
C ALA A 173 -19.03 7.90 -8.81
N ASP A 174 -19.34 9.02 -8.16
CA ASP A 174 -18.29 9.88 -7.63
C ASP A 174 -17.74 9.35 -6.32
N PHE A 175 -16.59 8.70 -6.41
CA PHE A 175 -15.91 8.16 -5.25
C PHE A 175 -14.90 9.25 -4.93
N THR A 176 -15.22 10.04 -3.91
CA THR A 176 -14.37 11.15 -3.55
C THR A 176 -13.70 11.05 -2.20
N ASN A 177 -12.50 11.62 -2.12
CA ASN A 177 -11.75 11.59 -0.87
C ASN A 177 -11.52 10.16 -0.42
N PHE A 178 -10.40 9.57 -0.82
CA PHE A 178 -10.09 8.20 -0.44
C PHE A 178 -8.59 7.92 -0.37
N ASP A 179 -8.09 7.58 0.83
CA ASP A 179 -6.67 7.28 1.04
C ASP A 179 -6.26 6.03 0.29
N PRO A 180 -5.47 6.17 -0.78
CA PRO A 180 -5.08 4.95 -1.47
C PRO A 180 -4.35 4.11 -0.45
N ARG A 181 -4.01 4.77 0.63
CA ARG A 181 -3.28 4.16 1.70
C ARG A 181 -4.10 3.25 2.60
N GLY A 182 -5.37 3.56 2.79
CA GLY A 182 -6.20 2.72 3.63
C GLY A 182 -5.96 1.29 3.21
N LEU A 183 -5.62 1.12 1.92
CA LEU A 183 -5.40 -0.18 1.31
C LEU A 183 -4.06 -0.86 1.42
N LEU A 184 -2.99 -0.12 1.63
CA LEU A 184 -1.65 -0.72 1.74
C LEU A 184 -1.47 -1.54 3.02
N PRO A 185 -0.55 -2.51 3.00
CA PRO A 185 -0.28 -3.32 4.20
C PRO A 185 0.55 -2.46 5.14
N GLU A 186 0.92 -2.96 6.30
CA GLU A 186 1.71 -2.16 7.23
C GLU A 186 3.21 -2.26 7.05
N SER A 187 3.66 -3.48 6.79
CA SER A 187 5.07 -3.74 6.58
C SER A 187 5.22 -3.73 5.07
N LEU A 188 6.08 -2.86 4.55
CA LEU A 188 6.22 -2.75 3.11
C LEU A 188 7.39 -3.45 2.41
N ASP A 189 7.74 -4.65 2.85
CA ASP A 189 8.82 -5.39 2.19
C ASP A 189 8.27 -5.62 0.79
N TYR A 190 9.12 -5.92 -0.19
CA TYR A 190 8.59 -6.12 -1.54
C TYR A 190 9.50 -6.88 -2.49
N TRP A 191 8.87 -7.52 -3.46
CA TRP A 191 9.57 -8.26 -4.51
C TRP A 191 9.44 -7.34 -5.70
N THR A 192 10.21 -7.56 -6.75
CA THR A 192 10.10 -6.68 -7.89
C THR A 192 10.78 -7.24 -9.10
N TYR A 193 10.25 -6.89 -10.26
CA TYR A 193 10.79 -7.38 -11.52
C TYR A 193 10.18 -6.64 -12.71
N PRO A 194 10.79 -6.79 -13.88
CA PRO A 194 10.29 -6.14 -15.10
C PRO A 194 9.17 -6.98 -15.68
N GLY A 195 8.01 -6.36 -15.88
CA GLY A 195 6.87 -7.08 -16.43
C GLY A 195 6.02 -6.31 -17.42
N SER A 196 4.73 -6.56 -17.40
CA SER A 196 3.80 -5.91 -18.31
C SER A 196 2.43 -5.82 -17.68
N LEU A 197 1.48 -5.26 -18.41
CA LEU A 197 0.11 -5.14 -17.92
C LEU A 197 -0.50 -6.53 -18.02
N THR A 198 -1.28 -6.91 -17.03
CA THR A 198 -1.90 -8.24 -17.02
C THR A 198 -3.25 -8.23 -17.72
N THR A 199 -3.35 -7.44 -18.78
CA THR A 199 -4.58 -7.30 -19.53
C THR A 199 -4.33 -6.47 -20.76
N PRO A 200 -5.05 -6.75 -21.86
CA PRO A 200 -4.87 -5.99 -23.11
C PRO A 200 -4.68 -4.50 -22.83
N PRO A 201 -3.75 -3.85 -23.54
CA PRO A 201 -2.85 -4.32 -24.60
C PRO A 201 -1.65 -5.16 -24.15
N LEU A 202 -1.55 -5.43 -22.85
CA LEU A 202 -0.45 -6.21 -22.30
C LEU A 202 0.95 -5.63 -22.56
N LEU A 203 1.02 -4.32 -22.77
CA LEU A 203 2.30 -3.66 -23.04
C LEU A 203 3.35 -3.99 -21.98
N GLU A 204 4.57 -4.26 -22.42
CA GLU A 204 5.65 -4.61 -21.51
C GLU A 204 6.41 -3.39 -21.01
N CYS A 205 5.87 -2.72 -20.01
CA CYS A 205 6.52 -1.54 -19.50
C CYS A 205 6.37 -1.34 -18.00
N VAL A 206 5.51 -2.13 -17.38
CA VAL A 206 5.32 -2.01 -15.95
C VAL A 206 6.56 -2.54 -15.22
N THR A 207 7.00 -1.81 -14.20
CA THR A 207 8.15 -2.26 -13.44
C THR A 207 7.61 -2.73 -12.12
N TRP A 208 6.82 -3.81 -12.17
CA TRP A 208 6.18 -4.41 -11.00
C TRP A 208 6.83 -4.40 -9.63
N ILE A 209 6.00 -4.15 -8.63
CA ILE A 209 6.40 -4.16 -7.23
C ILE A 209 5.29 -4.84 -6.46
N VAL A 210 5.57 -6.02 -5.94
CA VAL A 210 4.57 -6.76 -5.19
C VAL A 210 4.90 -6.75 -3.71
N LEU A 211 3.90 -6.53 -2.88
CA LEU A 211 4.13 -6.48 -1.44
C LEU A 211 4.00 -7.84 -0.76
N LYS A 212 5.02 -8.19 0.02
CA LYS A 212 5.10 -9.47 0.73
C LYS A 212 3.90 -9.72 1.68
N GLU A 213 3.63 -8.78 2.59
CA GLU A 213 2.52 -8.92 3.53
C GLU A 213 1.20 -8.58 2.81
N PRO A 214 0.14 -9.34 3.10
CA PRO A 214 -1.12 -9.05 2.42
C PRO A 214 -2.11 -8.33 3.33
N ILE A 215 -3.16 -7.76 2.76
CA ILE A 215 -4.16 -7.10 3.56
C ILE A 215 -5.31 -8.08 3.65
N SER A 216 -6.04 -8.07 4.76
CA SER A 216 -7.14 -9.00 4.94
C SER A 216 -8.46 -8.61 4.25
N VAL A 217 -9.28 -9.63 4.00
CA VAL A 217 -10.60 -9.48 3.38
C VAL A 217 -11.46 -10.58 3.95
N SER A 218 -12.71 -10.28 4.29
CA SER A 218 -13.60 -11.30 4.83
C SER A 218 -14.14 -12.19 3.71
N SER A 219 -14.43 -13.45 4.03
CA SER A 219 -14.95 -14.35 3.00
C SER A 219 -16.24 -13.74 2.46
N GLU A 220 -16.90 -12.97 3.32
CA GLU A 220 -18.15 -12.29 3.01
C GLU A 220 -18.00 -11.13 2.05
N GLN A 221 -16.84 -10.47 2.12
CA GLN A 221 -16.54 -9.33 1.28
C GLN A 221 -16.16 -9.67 -0.15
N VAL A 222 -15.05 -10.38 -0.35
CA VAL A 222 -14.63 -10.72 -1.71
C VAL A 222 -15.85 -11.28 -2.44
N LEU A 223 -16.88 -11.64 -1.68
CA LEU A 223 -18.11 -12.19 -2.23
C LEU A 223 -18.91 -11.13 -3.02
N LYS A 224 -18.70 -9.86 -2.69
CA LYS A 224 -19.43 -8.78 -3.37
C LYS A 224 -18.70 -8.41 -4.64
N PHE A 225 -17.41 -8.65 -4.65
CA PHE A 225 -16.62 -8.34 -5.82
C PHE A 225 -17.27 -8.97 -7.04
N ARG A 226 -17.54 -10.26 -6.93
CA ARG A 226 -18.13 -11.01 -8.02
C ARG A 226 -19.61 -10.74 -8.21
N LYS A 227 -20.02 -9.52 -7.92
CA LYS A 227 -21.41 -9.12 -8.07
C LYS A 227 -21.55 -8.16 -9.26
N LEU A 228 -20.43 -7.61 -9.70
CA LEU A 228 -20.44 -6.69 -10.84
C LEU A 228 -20.67 -7.49 -12.12
N ASN A 229 -21.13 -6.77 -13.16
CA ASN A 229 -21.40 -7.38 -14.46
C ASN A 229 -20.36 -6.99 -15.49
N PHE A 230 -19.97 -7.95 -16.33
CA PHE A 230 -18.99 -7.69 -17.39
C PHE A 230 -19.67 -6.81 -18.45
N ASN A 231 -20.87 -7.23 -18.86
CA ASN A 231 -21.68 -6.54 -19.86
C ASN A 231 -22.20 -5.17 -19.41
N GLY A 232 -22.78 -4.44 -20.37
CA GLY A 232 -23.36 -3.13 -20.08
C GLY A 232 -24.84 -3.32 -19.89
N GLU A 233 -25.50 -2.35 -19.25
CA GLU A 233 -26.95 -2.43 -19.03
C GLU A 233 -27.67 -2.66 -20.35
N GLY A 234 -28.70 -3.50 -20.33
CA GLY A 234 -29.44 -3.79 -21.54
C GLY A 234 -29.04 -5.12 -22.15
N GLU A 235 -27.74 -5.39 -22.21
CA GLU A 235 -27.22 -6.64 -22.75
C GLU A 235 -27.51 -7.76 -21.75
N PRO A 236 -27.50 -9.01 -22.21
CA PRO A 236 -27.76 -10.15 -21.32
C PRO A 236 -26.90 -10.09 -20.07
N GLU A 237 -27.53 -10.21 -18.90
CA GLU A 237 -26.80 -10.14 -17.64
C GLU A 237 -25.58 -11.06 -17.64
N GLU A 238 -24.43 -10.47 -17.37
CA GLU A 238 -23.17 -11.18 -17.37
C GLU A 238 -22.37 -10.89 -16.12
N LEU A 239 -22.21 -11.89 -15.25
CA LEU A 239 -21.46 -11.71 -14.01
C LEU A 239 -19.95 -11.76 -14.14
N MET A 240 -19.29 -10.86 -13.39
CA MET A 240 -17.84 -10.73 -13.36
C MET A 240 -17.36 -11.57 -12.19
N VAL A 241 -17.43 -12.88 -12.36
CA VAL A 241 -17.06 -13.80 -11.29
C VAL A 241 -15.57 -14.08 -11.13
N ASP A 242 -14.85 -14.03 -12.25
CA ASP A 242 -13.42 -14.34 -12.27
C ASP A 242 -12.77 -13.37 -13.26
N ASN A 243 -11.66 -12.74 -12.89
CA ASN A 243 -11.02 -11.82 -13.82
C ASN A 243 -9.51 -11.69 -13.69
N TRP A 244 -8.83 -12.78 -13.34
CA TRP A 244 -7.37 -12.77 -13.18
C TRP A 244 -6.64 -13.54 -14.26
N ARG A 245 -5.41 -13.11 -14.57
CA ARG A 245 -4.59 -13.76 -15.57
C ARG A 245 -3.64 -14.73 -14.87
N PRO A 246 -3.37 -15.90 -15.48
CA PRO A 246 -2.49 -16.92 -14.92
C PRO A 246 -1.03 -16.49 -14.88
N ALA A 247 -0.23 -17.19 -14.08
CA ALA A 247 1.20 -16.89 -13.97
C ALA A 247 1.91 -17.10 -15.30
N GLN A 248 2.78 -16.17 -15.67
CA GLN A 248 3.50 -16.29 -16.92
C GLN A 248 4.92 -16.79 -16.78
N PRO A 249 5.54 -17.18 -17.90
CA PRO A 249 6.92 -17.69 -17.92
C PRO A 249 7.86 -16.57 -17.49
N LEU A 250 8.60 -16.82 -16.42
CA LEU A 250 9.52 -15.83 -15.92
C LEU A 250 10.67 -15.74 -16.90
N LYS A 251 10.69 -16.67 -17.85
CA LYS A 251 11.74 -16.74 -18.87
C LYS A 251 13.13 -16.42 -18.33
N ASN A 252 13.70 -15.28 -18.71
CA ASN A 252 15.02 -14.91 -18.20
C ASN A 252 14.83 -14.10 -16.93
N ARG A 253 14.59 -12.80 -17.07
CA ARG A 253 14.37 -11.94 -15.91
C ARG A 253 14.93 -12.44 -14.59
N GLN A 254 14.31 -12.05 -13.48
CA GLN A 254 14.78 -12.44 -12.15
C GLN A 254 14.09 -11.52 -11.15
N ILE A 255 13.65 -12.06 -10.01
CA ILE A 255 12.95 -11.26 -9.02
C ILE A 255 13.82 -10.76 -7.87
N LYS A 256 13.99 -9.44 -7.79
CA LYS A 256 14.78 -8.85 -6.72
C LYS A 256 13.83 -8.68 -5.54
N ALA A 257 14.37 -8.40 -4.35
CA ALA A 257 13.53 -8.24 -3.14
C ALA A 257 14.09 -7.23 -2.13
N SER A 258 13.25 -6.63 -1.29
CA SER A 258 13.78 -5.70 -0.32
C SER A 258 13.91 -6.43 1.02
N PHE A 259 14.73 -7.47 0.97
CA PHE A 259 15.06 -8.34 2.10
C PHE A 259 15.64 -9.68 1.60
N GLN B 1 23.23 7.69 6.17
CA GLN B 1 21.95 6.91 6.37
C GLN B 1 21.02 7.54 7.40
N VAL B 2 19.80 7.03 7.47
CA VAL B 2 18.82 7.57 8.41
C VAL B 2 19.09 7.18 9.86
N GLN B 3 19.51 8.15 10.64
CA GLN B 3 19.76 7.93 12.05
C GLN B 3 18.54 8.50 12.74
N LEU B 4 18.17 7.94 13.88
CA LEU B 4 17.00 8.44 14.61
C LEU B 4 17.37 8.45 16.09
N VAL B 5 17.69 9.63 16.62
CA VAL B 5 18.10 9.73 18.01
C VAL B 5 17.04 10.28 18.95
N GLU B 6 16.82 9.57 20.05
CA GLU B 6 15.86 10.01 21.05
C GLU B 6 16.61 10.54 22.26
N SER B 7 15.91 11.29 23.09
CA SER B 7 16.49 11.86 24.29
C SER B 7 15.41 12.45 25.18
N GLY B 8 15.79 12.82 26.40
CA GLY B 8 14.83 13.41 27.32
C GLY B 8 14.21 12.45 28.32
N GLY B 9 14.58 11.17 28.22
CA GLY B 9 14.02 10.19 29.14
C GLY B 9 14.47 10.39 30.57
N GLY B 10 14.04 9.49 31.45
CA GLY B 10 14.44 9.61 32.84
C GLY B 10 13.46 9.05 33.85
N SER B 11 13.58 9.52 35.09
CA SER B 11 12.70 9.08 36.16
C SER B 11 11.93 10.29 36.72
N VAL B 12 10.62 10.13 36.88
CA VAL B 12 9.77 11.20 37.42
C VAL B 12 8.69 10.57 38.27
N GLN B 13 8.12 11.34 39.20
CA GLN B 13 7.09 10.79 40.08
C GLN B 13 5.72 10.88 39.41
N ALA B 14 4.82 10.01 39.82
CA ALA B 14 3.47 9.99 39.29
C ALA B 14 2.93 11.42 39.35
N GLY B 15 2.14 11.79 38.35
CA GLY B 15 1.58 13.13 38.32
C GLY B 15 2.57 14.07 37.65
N GLY B 16 3.81 13.64 37.56
CA GLY B 16 4.85 14.45 36.94
C GLY B 16 4.74 14.55 35.42
N SER B 17 5.84 14.92 34.77
CA SER B 17 5.84 15.06 33.32
C SER B 17 7.20 15.44 32.77
N LEU B 18 7.56 14.85 31.65
CA LEU B 18 8.81 15.16 30.99
C LEU B 18 8.55 15.11 29.48
N ARG B 19 9.49 15.62 28.69
CA ARG B 19 9.33 15.65 27.25
C ARG B 19 10.44 14.96 26.47
N LEU B 20 10.10 13.89 25.76
CA LEU B 20 11.07 13.17 24.96
C LEU B 20 11.20 13.83 23.60
N SER B 21 12.37 13.72 22.99
CA SER B 21 12.56 14.30 21.66
C SER B 21 13.20 13.27 20.74
N CYS B 22 13.05 13.47 19.43
CA CYS B 22 13.59 12.57 18.44
C CYS B 22 14.20 13.38 17.30
N ALA B 23 15.51 13.25 17.11
CA ALA B 23 16.17 14.01 16.05
C ALA B 23 16.51 13.13 14.84
N ALA B 24 16.11 13.60 13.66
CA ALA B 24 16.34 12.86 12.43
C ALA B 24 17.57 13.34 11.69
N SER B 25 18.14 12.44 10.90
CA SER B 25 19.33 12.72 10.10
C SER B 25 19.22 11.89 8.82
N GLY B 26 19.21 12.56 7.67
CA GLY B 26 19.09 11.87 6.40
C GLY B 26 17.65 11.39 6.26
N TYR B 27 16.76 12.21 6.80
CA TYR B 27 15.33 11.93 6.81
C TYR B 27 14.68 13.27 7.15
N THR B 28 13.45 13.48 6.70
CA THR B 28 12.75 14.73 6.97
C THR B 28 11.45 14.42 7.69
N VAL B 29 11.44 14.62 9.02
CA VAL B 29 10.27 14.32 9.85
C VAL B 29 8.92 14.86 9.38
N SER B 30 8.94 15.69 8.34
CA SER B 30 7.70 16.25 7.86
C SER B 30 7.08 15.52 6.70
N THR B 31 7.89 15.11 5.72
CA THR B 31 7.32 14.45 4.55
C THR B 31 6.53 13.16 4.82
N TYR B 32 7.07 12.27 5.64
CA TYR B 32 6.37 11.03 5.93
C TYR B 32 5.67 11.05 7.27
N CYS B 33 5.02 9.94 7.58
CA CYS B 33 4.29 9.79 8.82
C CYS B 33 5.18 9.10 9.85
N MET B 34 5.26 9.67 11.05
CA MET B 34 6.09 9.13 12.14
C MET B 34 5.30 8.88 13.42
N GLY B 35 5.98 8.34 14.43
CA GLY B 35 5.31 8.07 15.70
C GLY B 35 6.19 7.49 16.78
N TRP B 36 5.55 7.17 17.91
CA TRP B 36 6.23 6.58 19.05
C TRP B 36 5.46 5.37 19.51
N PHE B 37 6.19 4.42 20.09
CA PHE B 37 5.61 3.23 20.66
C PHE B 37 6.52 2.89 21.82
N ARG B 38 6.03 2.10 22.76
CA ARG B 38 6.85 1.76 23.91
C ARG B 38 6.86 0.27 24.20
N GLN B 39 8.00 -0.21 24.68
CA GLN B 39 8.14 -1.61 25.02
C GLN B 39 8.26 -1.73 26.53
N ALA B 40 7.13 -1.96 27.20
CA ALA B 40 7.16 -2.12 28.64
C ALA B 40 7.64 -3.54 28.89
N PRO B 41 8.25 -3.79 30.06
CA PRO B 41 8.72 -5.15 30.32
C PRO B 41 7.53 -6.04 30.66
N GLY B 42 7.56 -7.26 30.13
CA GLY B 42 6.46 -8.19 30.39
C GLY B 42 5.30 -7.97 29.44
N LYS B 43 5.07 -6.72 29.05
CA LYS B 43 3.99 -6.37 28.13
C LYS B 43 4.54 -6.35 26.71
N GLU B 44 3.64 -6.31 25.73
CA GLU B 44 4.09 -6.29 24.34
C GLU B 44 4.13 -4.87 23.81
N ARG B 45 4.67 -4.70 22.60
CA ARG B 45 4.79 -3.38 21.98
C ARG B 45 3.42 -2.67 21.89
N GLU B 46 3.37 -1.44 22.40
CA GLU B 46 2.15 -0.64 22.39
C GLU B 46 2.36 0.65 21.63
N GLY B 47 1.38 1.03 20.81
CA GLY B 47 1.50 2.27 20.07
C GLY B 47 1.07 3.45 20.91
N VAL B 48 1.89 4.48 20.95
CA VAL B 48 1.57 5.66 21.75
C VAL B 48 0.91 6.76 20.94
N ALA B 49 1.65 7.32 19.99
CA ALA B 49 1.11 8.38 19.17
C ALA B 49 1.79 8.45 17.82
N THR B 50 1.11 9.04 16.84
CA THR B 50 1.67 9.18 15.51
C THR B 50 1.33 10.56 15.02
N ILE B 51 2.04 11.00 13.98
CA ILE B 51 1.80 12.31 13.42
C ILE B 51 2.24 12.39 11.97
N LEU B 52 1.48 13.14 11.19
CA LEU B 52 1.76 13.38 9.79
C LEU B 52 1.32 14.82 9.62
N GLY B 53 2.21 15.76 9.96
CA GLY B 53 1.86 17.15 9.86
C GLY B 53 0.72 17.57 10.77
N GLY B 54 -0.35 18.06 10.16
CA GLY B 54 -1.49 18.50 10.96
C GLY B 54 -2.27 17.41 11.65
N SER B 55 -2.19 16.19 11.14
CA SER B 55 -2.95 15.12 11.75
C SER B 55 -2.14 14.30 12.77
N THR B 56 -2.62 14.30 14.01
CA THR B 56 -1.97 13.57 15.10
C THR B 56 -2.96 12.58 15.71
N TYR B 57 -2.50 11.35 15.97
CA TYR B 57 -3.36 10.32 16.54
C TYR B 57 -2.77 9.75 17.81
N TYR B 58 -3.61 9.54 18.82
CA TYR B 58 -3.18 9.04 20.12
C TYR B 58 -3.75 7.71 20.57
N GLY B 59 -2.90 6.92 21.22
CA GLY B 59 -3.30 5.62 21.72
C GLY B 59 -4.39 5.76 22.75
N ASP B 60 -5.39 4.89 22.69
CA ASP B 60 -6.53 4.95 23.62
C ASP B 60 -6.24 5.32 25.06
N SER B 61 -5.04 4.98 25.55
CA SER B 61 -4.68 5.28 26.93
C SER B 61 -4.02 6.65 27.07
N VAL B 62 -2.87 6.83 26.44
CA VAL B 62 -2.15 8.09 26.50
C VAL B 62 -2.96 9.21 25.89
N LYS B 63 -4.07 8.88 25.24
CA LYS B 63 -4.90 9.90 24.61
C LYS B 63 -5.41 10.90 25.65
N GLY B 64 -5.12 12.18 25.44
CA GLY B 64 -5.59 13.18 26.38
C GLY B 64 -4.54 13.69 27.33
N ARG B 65 -3.47 12.93 27.54
CA ARG B 65 -2.44 13.40 28.45
C ARG B 65 -1.05 13.25 27.84
N PHE B 66 -1.02 12.99 26.55
CA PHE B 66 0.24 12.87 25.82
C PHE B 66 0.09 13.72 24.57
N THR B 67 1.20 14.18 24.03
CA THR B 67 1.14 15.01 22.84
C THR B 67 2.36 14.85 21.95
N ILE B 68 2.12 14.75 20.66
CA ILE B 68 3.19 14.61 19.69
C ILE B 68 3.21 15.85 18.84
N SER B 69 4.38 16.17 18.32
CA SER B 69 4.54 17.33 17.47
C SER B 69 5.90 17.29 16.81
N GLN B 70 6.09 18.15 15.83
CA GLN B 70 7.33 18.21 15.09
C GLN B 70 7.79 19.65 14.91
N ASP B 71 9.10 19.84 14.84
CA ASP B 71 9.68 21.16 14.63
C ASP B 71 10.56 21.05 13.37
N ASN B 72 9.95 20.62 12.27
CA ASN B 72 10.64 20.45 11.01
C ASN B 72 11.74 21.45 10.74
N ALA B 73 11.66 22.62 11.38
CA ALA B 73 12.71 23.63 11.20
C ALA B 73 14.02 23.05 11.72
N LYS B 74 13.92 22.07 12.61
CA LYS B 74 15.08 21.40 13.18
C LYS B 74 14.90 19.88 13.17
N ASN B 75 14.01 19.40 12.31
CA ASN B 75 13.75 17.97 12.18
C ASN B 75 13.72 17.24 13.51
N THR B 76 12.73 17.54 14.33
CA THR B 76 12.63 16.90 15.62
C THR B 76 11.19 16.71 16.04
N VAL B 77 10.77 15.46 16.17
CA VAL B 77 9.41 15.17 16.59
C VAL B 77 9.44 14.97 18.09
N TYR B 78 8.78 15.87 18.81
CA TYR B 78 8.74 15.79 20.25
C TYR B 78 7.53 15.01 20.73
N LEU B 79 7.64 14.48 21.95
CA LEU B 79 6.55 13.74 22.59
C LEU B 79 6.42 14.31 24.00
N GLN B 80 5.40 15.12 24.21
CA GLN B 80 5.16 15.73 25.51
C GLN B 80 4.29 14.82 26.35
N MET B 81 4.86 14.28 27.42
CA MET B 81 4.13 13.39 28.30
C MET B 81 3.70 14.15 29.55
N ASN B 82 2.41 14.11 29.87
CA ASN B 82 1.92 14.83 31.04
C ASN B 82 1.13 13.96 32.02
N SER B 83 1.25 14.28 33.29
CA SER B 83 0.58 13.54 34.36
C SER B 83 0.82 12.05 34.22
N LEU B 84 2.10 11.68 34.20
CA LEU B 84 2.50 10.29 34.06
C LEU B 84 1.94 9.38 35.14
N LYS B 85 1.70 8.13 34.78
CA LYS B 85 1.20 7.12 35.70
C LYS B 85 2.36 6.16 35.86
N PRO B 86 2.36 5.34 36.91
CA PRO B 86 3.50 4.42 37.05
C PRO B 86 3.46 3.45 35.86
N GLU B 87 2.25 3.09 35.46
CA GLU B 87 2.02 2.19 34.35
C GLU B 87 2.85 2.57 33.11
N ASP B 88 3.08 3.88 32.95
CA ASP B 88 3.83 4.40 31.81
C ASP B 88 5.29 4.01 31.78
N THR B 89 5.83 3.67 32.94
CA THR B 89 7.23 3.27 33.00
C THR B 89 7.52 2.25 31.91
N ALA B 90 8.40 2.62 30.99
CA ALA B 90 8.78 1.75 29.87
C ALA B 90 9.80 2.41 28.96
N ILE B 91 10.13 1.74 27.88
CA ILE B 91 11.08 2.28 26.93
C ILE B 91 10.26 2.83 25.77
N TYR B 92 10.49 4.10 25.45
CA TYR B 92 9.75 4.73 24.37
C TYR B 92 10.63 4.82 23.16
N TYR B 93 10.09 4.42 22.01
CA TYR B 93 10.84 4.46 20.77
C TYR B 93 10.26 5.44 19.77
N CYS B 94 11.15 5.92 18.91
CA CYS B 94 10.80 6.86 17.88
C CYS B 94 10.81 6.14 16.54
N ALA B 95 9.77 6.29 15.75
CA ALA B 95 9.74 5.62 14.46
C ALA B 95 9.40 6.60 13.36
N GLY B 96 9.85 6.28 12.16
CA GLY B 96 9.60 7.13 11.02
C GLY B 96 9.51 6.31 9.74
N SER B 97 8.28 6.09 9.26
CA SER B 97 8.05 5.30 8.05
C SER B 97 8.31 6.07 6.76
N THR B 98 7.93 5.43 5.65
CA THR B 98 8.11 6.00 4.33
C THR B 98 6.77 6.17 3.64
N VAL B 99 5.69 6.10 4.40
CA VAL B 99 4.36 6.26 3.85
C VAL B 99 3.75 7.60 4.23
N ALA B 100 3.29 8.33 3.21
CA ALA B 100 2.66 9.63 3.42
C ALA B 100 1.16 9.40 3.37
N SER B 101 0.57 9.12 4.52
CA SER B 101 -0.85 8.87 4.60
C SER B 101 -1.43 9.03 5.98
N THR B 102 -2.52 9.77 6.06
CA THR B 102 -3.20 10.00 7.31
C THR B 102 -3.86 8.68 7.70
N GLY B 103 -4.58 8.09 6.74
CA GLY B 103 -5.25 6.84 7.02
C GLY B 103 -4.28 5.77 7.48
N TRP B 104 -3.20 5.61 6.72
CA TRP B 104 -2.18 4.62 7.03
C TRP B 104 -1.52 4.97 8.34
N CYS B 105 -1.53 6.26 8.66
CA CYS B 105 -0.91 6.75 9.86
C CYS B 105 -1.82 6.55 11.07
N SER B 106 -3.12 6.61 10.85
CA SER B 106 -4.06 6.46 11.95
C SER B 106 -4.09 5.04 12.50
N ARG B 107 -3.42 4.11 11.81
CA ARG B 107 -3.40 2.73 12.26
C ARG B 107 -2.75 2.74 13.64
N LEU B 108 -1.74 3.60 13.78
CA LEU B 108 -1.01 3.74 15.03
C LEU B 108 -0.19 2.51 15.34
N ARG B 109 0.79 2.23 14.49
CA ARG B 109 1.63 1.06 14.68
C ARG B 109 3.09 1.36 14.36
N PRO B 110 3.67 2.39 14.98
CA PRO B 110 5.07 2.76 14.74
C PRO B 110 6.06 1.60 14.85
N TYR B 111 5.65 0.54 15.56
CA TYR B 111 6.50 -0.63 15.74
C TYR B 111 6.65 -1.45 14.47
N ASP B 112 6.10 -0.95 13.36
CA ASP B 112 6.19 -1.64 12.09
C ASP B 112 6.86 -0.69 11.09
N TYR B 113 7.06 0.56 11.51
CA TYR B 113 7.70 1.57 10.67
C TYR B 113 9.16 1.22 10.43
N HIS B 114 9.58 1.26 9.17
CA HIS B 114 10.93 0.91 8.76
C HIS B 114 12.12 1.48 9.53
N TYR B 115 12.19 2.79 9.69
CA TYR B 115 13.30 3.40 10.41
C TYR B 115 13.01 3.57 11.89
N ARG B 116 13.75 2.87 12.74
CA ARG B 116 13.56 2.94 14.18
C ARG B 116 14.75 3.52 14.97
N GLY B 117 14.48 3.96 16.19
CA GLY B 117 15.52 4.51 17.04
C GLY B 117 15.88 3.50 18.12
N GLN B 118 16.67 3.90 19.11
CA GLN B 118 17.07 2.98 20.18
C GLN B 118 16.16 3.06 21.40
N GLY B 119 15.32 4.08 21.45
CA GLY B 119 14.42 4.26 22.57
C GLY B 119 15.09 4.86 23.79
N THR B 120 14.29 5.30 24.75
CA THR B 120 14.83 5.88 25.99
C THR B 120 14.02 5.44 27.19
N GLN B 121 14.72 4.97 28.22
CA GLN B 121 14.08 4.50 29.44
C GLN B 121 13.33 5.63 30.11
N VAL B 122 12.07 5.38 30.45
CA VAL B 122 11.24 6.38 31.11
C VAL B 122 10.58 5.71 32.30
N THR B 123 11.13 5.93 33.49
CA THR B 123 10.58 5.33 34.70
C THR B 123 9.74 6.29 35.54
N VAL B 124 8.60 5.80 36.00
CA VAL B 124 7.68 6.59 36.83
C VAL B 124 7.52 6.04 38.24
N SER B 125 8.10 6.73 39.21
CA SER B 125 8.04 6.35 40.63
C SER B 125 6.67 6.73 41.18
N SER B 126 6.30 6.16 42.32
CA SER B 126 5.00 6.45 42.92
C SER B 126 5.08 7.41 44.13
#